data_1Q0S
#
_entry.id   1Q0S
#
_cell.length_a   58.6
_cell.length_b   63.1
_cell.length_c   72.7
_cell.angle_alpha   90.0
_cell.angle_beta   90.0
_cell.angle_gamma   90.0
#
_symmetry.space_group_name_H-M   'P 21 21 21'
#
loop_
_entity.id
_entity.type
_entity.pdbx_description
1 polymer 'DNA adenine methylase'
2 non-polymer S-ADENOSYL-L-HOMOCYSTEINE
3 water water
#
_entity_poly.entity_id   1
_entity_poly.type   'polypeptide(L)'
_entity_poly.pdbx_seq_one_letter_code
;MLGAIAYTGNKQSLLPELKSHFPKYNRFVDLFCGGLSVSLNVNGPVLANDIQEPIIEMYKRLINVSWDDVLKVIKQYKLS
KTSKEEFLKLREDYNKTRDPLLLYVLHFHGFSNMIRINDKGNFTTPFGKRTINKNSEKQYNHFKQNCDKIIFSSLHFKDV
KILDGDFVYVDPPYLITVADYNKFWSEDEEKDLLNLLDSLNDRGIKFGQSNVLEHHGKENTLLKEWSKKYNVKHLNKKYV
FNIYHSKEKNGTDEVYIFN
;
_entity_poly.pdbx_strand_id   A
#
# COMPACT_ATOMS: atom_id res chain seq x y z
N MET A 1 -6.58 -12.44 -3.66
CA MET A 1 -7.02 -11.23 -4.41
C MET A 1 -5.81 -10.31 -4.60
N LEU A 2 -5.59 -9.91 -5.85
CA LEU A 2 -4.45 -9.09 -6.26
C LEU A 2 -4.37 -7.62 -5.89
N GLY A 3 -3.14 -7.17 -5.62
CA GLY A 3 -2.90 -5.78 -5.33
C GLY A 3 -2.65 -5.14 -6.69
N ALA A 4 -2.70 -3.81 -6.76
CA ALA A 4 -2.48 -3.12 -8.03
C ALA A 4 -1.03 -3.26 -8.47
N ILE A 5 -0.13 -3.41 -7.50
CA ILE A 5 1.30 -3.55 -7.80
C ILE A 5 1.94 -4.45 -6.78
N ALA A 6 3.07 -5.05 -7.16
CA ALA A 6 3.83 -5.91 -6.27
C ALA A 6 4.14 -5.04 -5.06
N TYR A 7 4.16 -5.64 -3.88
CA TYR A 7 4.41 -4.85 -2.68
C TYR A 7 4.85 -5.72 -1.50
N THR A 8 5.91 -5.31 -0.82
CA THR A 8 6.39 -6.05 0.33
C THR A 8 5.34 -5.93 1.41
N GLY A 9 4.95 -7.05 2.00
CA GLY A 9 3.98 -7.03 3.07
C GLY A 9 2.53 -6.98 2.64
N ASN A 10 2.27 -7.21 1.34
CA ASN A 10 0.91 -7.20 0.83
C ASN A 10 0.11 -8.29 1.56
N LYS A 11 -1.21 -8.13 1.56
CA LYS A 11 -2.12 -9.05 2.21
C LYS A 11 -2.90 -9.86 1.20
N GLN A 12 -2.32 -10.13 0.04
CA GLN A 12 -3.02 -10.87 -1.00
C GLN A 12 -3.62 -12.22 -0.60
N SER A 13 -2.85 -13.07 0.04
CA SER A 13 -3.38 -14.38 0.43
C SER A 13 -4.18 -14.36 1.73
N LEU A 14 -3.90 -13.38 2.59
CA LEU A 14 -4.59 -13.26 3.87
C LEU A 14 -5.91 -12.53 3.85
N LEU A 15 -6.17 -11.76 2.80
CA LEU A 15 -7.41 -11.00 2.74
C LEU A 15 -8.65 -11.84 3.05
N PRO A 16 -8.88 -12.92 2.29
CA PRO A 16 -10.07 -13.76 2.53
C PRO A 16 -10.20 -14.16 4.01
N GLU A 17 -9.05 -14.43 4.64
CA GLU A 17 -8.99 -14.81 6.05
C GLU A 17 -9.44 -13.66 6.96
N LEU A 18 -8.89 -12.46 6.72
CA LEU A 18 -9.23 -11.29 7.50
C LEU A 18 -10.66 -10.81 7.29
N LYS A 19 -11.11 -10.81 6.03
CA LYS A 19 -12.46 -10.36 5.70
C LYS A 19 -13.56 -10.95 6.56
N SER A 20 -13.47 -12.24 6.85
CA SER A 20 -14.50 -12.91 7.65
C SER A 20 -14.72 -12.24 9.02
N HIS A 21 -13.72 -11.51 9.49
CA HIS A 21 -13.82 -10.84 10.78
C HIS A 21 -14.21 -9.37 10.71
N PHE A 22 -14.44 -8.86 9.49
CA PHE A 22 -14.81 -7.46 9.33
C PHE A 22 -16.26 -7.20 9.70
N PRO A 23 -16.53 -6.10 10.41
CA PRO A 23 -17.88 -5.76 10.81
C PRO A 23 -18.61 -5.04 9.68
N LYS A 24 -19.83 -4.60 9.94
CA LYS A 24 -20.58 -3.86 8.92
C LYS A 24 -19.96 -2.48 9.03
N TYR A 25 -20.16 -1.64 8.02
CA TYR A 25 -19.60 -0.29 8.06
C TYR A 25 -20.14 0.57 6.93
N ASN A 26 -20.09 1.89 7.13
CA ASN A 26 -20.54 2.83 6.11
C ASN A 26 -19.42 3.13 5.12
N ARG A 27 -18.18 3.05 5.61
CA ARG A 27 -17.00 3.32 4.79
C ARG A 27 -15.80 2.51 5.28
N PHE A 28 -15.05 1.92 4.35
CA PHE A 28 -13.86 1.13 4.72
C PHE A 28 -12.65 2.07 4.57
N VAL A 29 -11.83 2.17 5.60
CA VAL A 29 -10.66 3.03 5.48
C VAL A 29 -9.39 2.22 5.62
N ASP A 30 -8.68 2.10 4.50
CA ASP A 30 -7.40 1.39 4.38
C ASP A 30 -6.35 2.46 4.73
N LEU A 31 -6.09 2.62 6.03
CA LEU A 31 -5.17 3.64 6.55
C LEU A 31 -3.72 3.62 6.04
N PHE A 32 -3.19 2.43 5.78
CA PHE A 32 -1.84 2.28 5.24
C PHE A 32 -2.04 1.35 4.04
N CYS A 33 -2.71 1.86 3.00
CA CYS A 33 -3.06 1.03 1.85
C CYS A 33 -1.99 0.28 1.06
N GLY A 34 -0.75 0.79 1.03
CA GLY A 34 0.31 0.10 0.31
C GLY A 34 0.03 -0.21 -1.15
N GLY A 35 0.17 -1.49 -1.51
CA GLY A 35 -0.06 -1.92 -2.88
C GLY A 35 -1.52 -2.17 -3.27
N LEU A 36 -2.45 -1.83 -2.37
CA LEU A 36 -3.89 -1.96 -2.57
C LEU A 36 -4.55 -3.34 -2.55
N SER A 37 -3.83 -4.39 -2.16
CA SER A 37 -4.45 -5.71 -2.14
C SER A 37 -5.70 -5.73 -1.27
N VAL A 38 -5.74 -4.87 -0.27
CA VAL A 38 -6.91 -4.82 0.60
C VAL A 38 -7.98 -3.93 -0.02
N SER A 39 -7.61 -2.69 -0.29
CA SER A 39 -8.52 -1.72 -0.86
C SER A 39 -9.33 -2.18 -2.06
N LEU A 40 -8.67 -2.76 -3.04
CA LEU A 40 -9.34 -3.23 -4.25
C LEU A 40 -10.32 -4.38 -4.01
N ASN A 41 -10.14 -5.10 -2.91
CA ASN A 41 -10.94 -6.29 -2.66
C ASN A 41 -11.96 -6.37 -1.54
N VAL A 42 -12.47 -5.23 -1.09
CA VAL A 42 -13.48 -5.21 -0.03
C VAL A 42 -14.63 -4.32 -0.52
N ASN A 43 -15.81 -4.49 0.05
CA ASN A 43 -16.96 -3.68 -0.35
C ASN A 43 -16.70 -2.21 -0.06
N GLY A 44 -17.05 -1.34 -1.01
CA GLY A 44 -16.83 0.09 -0.82
C GLY A 44 -17.94 0.71 0.00
N PRO A 45 -17.94 2.03 0.23
CA PRO A 45 -16.96 3.03 -0.25
C PRO A 45 -15.61 2.77 0.44
N VAL A 46 -14.51 3.06 -0.25
CA VAL A 46 -13.20 2.88 0.36
C VAL A 46 -12.32 4.13 0.33
N LEU A 47 -11.65 4.40 1.44
CA LEU A 47 -10.72 5.52 1.48
C LEU A 47 -9.35 4.86 1.59
N ALA A 48 -8.57 4.92 0.51
CA ALA A 48 -7.25 4.32 0.53
C ALA A 48 -6.21 5.38 0.80
N ASN A 49 -5.57 5.30 1.96
CA ASN A 49 -4.57 6.27 2.33
C ASN A 49 -3.18 5.69 2.58
N ASP A 50 -2.17 6.43 2.14
CA ASP A 50 -0.79 6.03 2.37
C ASP A 50 0.08 7.28 2.37
N ILE A 51 1.09 7.30 3.24
CA ILE A 51 1.97 8.45 3.35
C ILE A 51 2.81 8.70 2.10
N GLN A 52 3.07 7.66 1.31
CA GLN A 52 3.89 7.84 0.11
C GLN A 52 3.08 8.45 -1.05
N GLU A 53 3.07 9.77 -1.05
CA GLU A 53 2.36 10.58 -2.04
C GLU A 53 2.60 10.18 -3.50
N PRO A 54 3.86 9.94 -3.89
CA PRO A 54 4.16 9.57 -5.28
C PRO A 54 3.36 8.35 -5.75
N ILE A 55 3.22 7.37 -4.86
CA ILE A 55 2.48 6.15 -5.17
C ILE A 55 0.97 6.42 -5.24
N ILE A 56 0.47 7.23 -4.30
CA ILE A 56 -0.95 7.58 -4.28
C ILE A 56 -1.28 8.34 -5.56
N GLU A 57 -0.42 9.30 -5.92
CA GLU A 57 -0.64 10.07 -7.14
C GLU A 57 -0.66 9.12 -8.34
N MET A 58 0.18 8.08 -8.29
CA MET A 58 0.24 7.11 -9.37
C MET A 58 -1.13 6.44 -9.50
N TYR A 59 -1.71 6.03 -8.38
CA TYR A 59 -3.03 5.39 -8.40
C TYR A 59 -4.08 6.36 -8.93
N LYS A 60 -4.02 7.60 -8.45
CA LYS A 60 -4.95 8.64 -8.88
C LYS A 60 -4.92 8.77 -10.40
N ARG A 61 -3.72 8.75 -10.95
CA ARG A 61 -3.52 8.86 -12.40
C ARG A 61 -4.08 7.67 -13.17
N LEU A 62 -3.86 6.46 -12.66
CA LEU A 62 -4.32 5.25 -13.33
C LEU A 62 -5.84 5.22 -13.53
N ILE A 63 -6.56 6.01 -12.74
CA ILE A 63 -8.00 6.04 -12.86
C ILE A 63 -8.42 6.26 -14.30
N ASN A 64 -7.78 7.20 -15.00
CA ASN A 64 -8.13 7.43 -16.40
C ASN A 64 -6.99 7.08 -17.37
N VAL A 65 -6.38 5.93 -17.13
CA VAL A 65 -5.31 5.41 -17.96
C VAL A 65 -5.83 4.10 -18.53
N SER A 66 -5.52 3.81 -19.78
CA SER A 66 -5.94 2.55 -20.39
C SER A 66 -4.65 1.74 -20.51
N TRP A 67 -4.77 0.43 -20.71
CA TRP A 67 -3.58 -0.40 -20.85
C TRP A 67 -2.88 0.07 -22.12
N ASP A 68 -3.67 0.59 -23.04
CA ASP A 68 -3.19 1.11 -24.31
C ASP A 68 -2.15 2.21 -24.04
N ASP A 69 -2.54 3.15 -23.18
CA ASP A 69 -1.66 4.26 -22.82
C ASP A 69 -0.34 3.72 -22.26
N VAL A 70 -0.42 2.69 -21.43
CA VAL A 70 0.78 2.08 -20.83
C VAL A 70 1.70 1.55 -21.91
N LEU A 71 1.11 0.90 -22.91
CA LEU A 71 1.91 0.35 -24.00
C LEU A 71 2.58 1.44 -24.83
N LYS A 72 1.85 2.51 -25.13
CA LYS A 72 2.41 3.62 -25.91
C LYS A 72 3.69 4.15 -25.27
N VAL A 73 3.66 4.33 -23.96
CA VAL A 73 4.81 4.83 -23.21
C VAL A 73 5.97 3.86 -23.29
N ILE A 74 5.66 2.57 -23.11
CA ILE A 74 6.69 1.56 -23.16
C ILE A 74 7.37 1.57 -24.52
N LYS A 75 6.56 1.70 -25.58
CA LYS A 75 7.13 1.75 -26.93
C LYS A 75 7.87 3.06 -27.13
N GLN A 76 7.29 4.15 -26.63
CA GLN A 76 7.89 5.47 -26.74
C GLN A 76 9.32 5.49 -26.19
N TYR A 77 9.54 4.72 -25.13
CA TYR A 77 10.86 4.67 -24.51
C TYR A 77 11.68 3.46 -24.97
N LYS A 78 11.08 2.63 -25.82
CA LYS A 78 11.76 1.44 -26.33
C LYS A 78 12.29 0.55 -25.22
N LEU A 79 11.44 0.25 -24.25
CA LEU A 79 11.84 -0.57 -23.11
C LEU A 79 11.79 -2.06 -23.40
N SER A 80 12.77 -2.78 -22.86
CA SER A 80 12.88 -4.22 -23.05
C SER A 80 13.59 -4.78 -21.82
N LYS A 81 14.16 -5.97 -21.94
CA LYS A 81 14.87 -6.59 -20.83
C LYS A 81 16.31 -6.06 -20.71
N THR A 82 16.79 -5.41 -21.77
CA THR A 82 18.16 -4.90 -21.78
C THR A 82 18.29 -3.39 -22.05
N SER A 83 17.16 -2.68 -22.05
CA SER A 83 17.16 -1.25 -22.30
C SER A 83 17.62 -0.51 -21.04
N LYS A 84 18.88 -0.69 -20.66
CA LYS A 84 19.37 -0.04 -19.45
C LYS A 84 19.39 1.47 -19.61
N GLU A 85 19.84 1.95 -20.78
CA GLU A 85 19.91 3.38 -21.01
C GLU A 85 18.55 4.07 -21.08
N GLU A 86 17.57 3.42 -21.69
CA GLU A 86 16.23 3.99 -21.79
C GLU A 86 15.58 3.98 -20.41
N PHE A 87 15.90 2.98 -19.60
CA PHE A 87 15.36 2.91 -18.24
C PHE A 87 15.83 4.16 -17.51
N LEU A 88 17.14 4.39 -17.56
CA LEU A 88 17.76 5.54 -16.91
C LEU A 88 17.18 6.84 -17.46
N LYS A 89 16.86 6.85 -18.75
CA LYS A 89 16.30 8.04 -19.37
C LYS A 89 14.90 8.25 -18.79
N LEU A 90 14.12 7.18 -18.72
CA LEU A 90 12.76 7.23 -18.15
C LEU A 90 12.79 7.64 -16.67
N ARG A 91 13.79 7.16 -15.95
CA ARG A 91 13.93 7.47 -14.54
C ARG A 91 14.21 8.97 -14.33
N GLU A 92 15.13 9.52 -15.12
CA GLU A 92 15.43 10.94 -15.00
C GLU A 92 14.17 11.72 -15.35
N ASP A 93 13.53 11.36 -16.45
CA ASP A 93 12.30 12.03 -16.86
C ASP A 93 11.27 12.06 -15.74
N TYR A 94 11.10 10.92 -15.07
CA TYR A 94 10.13 10.92 -13.97
C TYR A 94 10.61 11.81 -12.82
N ASN A 95 11.86 11.69 -12.44
CA ASN A 95 12.39 12.49 -11.34
C ASN A 95 12.27 13.99 -11.61
N LYS A 96 12.43 14.39 -12.86
CA LYS A 96 12.32 15.80 -13.23
C LYS A 96 10.87 16.29 -13.35
N THR A 97 10.03 15.52 -14.03
CA THR A 97 8.64 15.88 -14.25
C THR A 97 7.64 15.38 -13.21
N ARG A 98 7.93 14.24 -12.60
CA ARG A 98 7.04 13.66 -11.60
C ARG A 98 5.68 13.25 -12.21
N ASP A 99 5.69 12.92 -13.50
CA ASP A 99 4.47 12.46 -14.17
C ASP A 99 4.23 11.06 -13.60
N PRO A 100 3.14 10.86 -12.82
CA PRO A 100 2.79 9.58 -12.19
C PRO A 100 2.70 8.39 -13.14
N LEU A 101 2.31 8.66 -14.38
CA LEU A 101 2.18 7.64 -15.40
C LEU A 101 3.56 7.04 -15.65
N LEU A 102 4.58 7.89 -15.64
CA LEU A 102 5.94 7.43 -15.85
C LEU A 102 6.39 6.55 -14.70
N LEU A 103 5.99 6.90 -13.47
CA LEU A 103 6.34 6.10 -12.29
C LEU A 103 5.76 4.70 -12.42
N TYR A 104 4.51 4.62 -12.90
CA TYR A 104 3.88 3.33 -13.10
C TYR A 104 4.71 2.51 -14.09
N VAL A 105 5.06 3.13 -15.23
CA VAL A 105 5.83 2.42 -16.24
C VAL A 105 7.18 1.96 -15.70
N LEU A 106 7.88 2.87 -15.02
CA LEU A 106 9.18 2.57 -14.45
C LEU A 106 9.18 1.32 -13.60
N HIS A 107 8.22 1.24 -12.69
CA HIS A 107 8.13 0.11 -11.77
C HIS A 107 8.12 -1.27 -12.45
N PHE A 108 7.65 -1.34 -13.69
CA PHE A 108 7.64 -2.61 -14.41
C PHE A 108 9.07 -3.01 -14.77
N HIS A 109 9.97 -2.04 -14.82
CA HIS A 109 11.35 -2.29 -15.22
C HIS A 109 12.40 -2.17 -14.13
N GLY A 110 11.96 -1.82 -12.93
CA GLY A 110 12.89 -1.68 -11.82
C GLY A 110 13.16 -3.03 -11.16
N PHE A 111 14.29 -3.12 -10.48
CA PHE A 111 14.68 -4.35 -9.80
C PHE A 111 13.59 -4.85 -8.87
N SER A 112 13.07 -6.04 -9.19
CA SER A 112 12.02 -6.67 -8.40
C SER A 112 10.72 -5.90 -8.40
N ASN A 113 10.57 -4.99 -9.36
CA ASN A 113 9.36 -4.19 -9.48
C ASN A 113 9.06 -3.38 -8.23
N MET A 114 10.08 -3.04 -7.45
CA MET A 114 9.84 -2.25 -6.25
C MET A 114 10.08 -0.76 -6.47
N ILE A 115 9.20 0.06 -5.90
CA ILE A 115 9.28 1.50 -6.02
C ILE A 115 10.05 2.07 -4.83
N ARG A 116 11.10 2.85 -5.11
CA ARG A 116 11.88 3.42 -4.02
C ARG A 116 12.07 4.91 -4.23
N ILE A 117 11.53 5.69 -3.30
CA ILE A 117 11.61 7.13 -3.39
C ILE A 117 12.42 7.68 -2.23
N ASN A 118 13.40 8.51 -2.53
CA ASN A 118 14.19 9.06 -1.44
C ASN A 118 13.57 10.37 -0.94
N ASP A 119 14.27 11.01 -0.01
CA ASP A 119 13.81 12.27 0.60
C ASP A 119 13.48 13.37 -0.40
N LYS A 120 14.25 13.47 -1.47
CA LYS A 120 13.99 14.52 -2.46
C LYS A 120 12.83 14.13 -3.36
N GLY A 121 12.38 12.89 -3.22
CA GLY A 121 11.26 12.40 -4.02
C GLY A 121 11.69 11.77 -5.34
N ASN A 122 12.94 11.33 -5.41
CA ASN A 122 13.42 10.72 -6.65
C ASN A 122 13.38 9.21 -6.58
N PHE A 123 13.13 8.59 -7.73
CA PHE A 123 13.09 7.14 -7.86
C PHE A 123 14.55 6.67 -7.87
N THR A 124 14.88 5.69 -7.04
CA THR A 124 16.25 5.19 -6.98
C THR A 124 16.41 3.72 -7.35
N THR A 125 15.32 2.99 -7.48
CA THR A 125 15.43 1.57 -7.83
C THR A 125 16.28 1.40 -9.08
N PRO A 126 17.25 0.47 -9.05
CA PRO A 126 18.13 0.21 -10.19
C PRO A 126 17.39 -0.56 -11.28
N PHE A 127 17.94 -0.56 -12.49
CA PHE A 127 17.35 -1.29 -13.60
C PHE A 127 17.16 -2.76 -13.17
N GLY A 128 15.97 -3.29 -13.35
CA GLY A 128 15.72 -4.68 -12.96
C GLY A 128 15.83 -5.71 -14.08
N LYS A 129 16.41 -5.31 -15.20
CA LYS A 129 16.57 -6.22 -16.35
C LYS A 129 15.31 -7.02 -16.61
N ARG A 130 14.19 -6.32 -16.77
CA ARG A 130 12.90 -6.97 -17.00
C ARG A 130 11.94 -5.97 -17.62
N THR A 131 10.76 -6.44 -17.99
CA THR A 131 9.71 -5.59 -18.58
C THR A 131 8.36 -6.25 -18.32
N ILE A 132 7.28 -5.67 -18.80
CA ILE A 132 5.96 -6.26 -18.55
C ILE A 132 5.81 -7.66 -19.14
N ASN A 133 4.88 -8.41 -18.55
CA ASN A 133 4.58 -9.76 -19.01
C ASN A 133 3.07 -9.91 -18.92
N LYS A 134 2.60 -11.14 -18.67
CA LYS A 134 1.17 -11.41 -18.57
C LYS A 134 0.59 -10.92 -17.25
N ASN A 135 1.15 -11.38 -16.13
CA ASN A 135 0.67 -10.97 -14.82
C ASN A 135 0.59 -9.44 -14.71
N SER A 136 1.31 -8.75 -15.60
CA SER A 136 1.33 -7.30 -15.58
C SER A 136 -0.02 -6.68 -15.94
N GLU A 137 -0.61 -7.11 -17.04
CA GLU A 137 -1.90 -6.58 -17.47
C GLU A 137 -3.03 -7.04 -16.56
N LYS A 138 -2.84 -8.17 -15.89
CA LYS A 138 -3.87 -8.69 -14.99
C LYS A 138 -4.08 -7.80 -13.76
N GLN A 139 -2.99 -7.41 -13.11
CA GLN A 139 -3.08 -6.56 -11.92
C GLN A 139 -3.73 -5.23 -12.30
N TYR A 140 -3.38 -4.74 -13.50
CA TYR A 140 -3.90 -3.49 -14.01
C TYR A 140 -5.40 -3.55 -14.21
N ASN A 141 -5.86 -4.57 -14.92
CA ASN A 141 -7.28 -4.74 -15.18
C ASN A 141 -8.02 -4.85 -13.86
N HIS A 142 -7.44 -5.60 -12.92
CA HIS A 142 -8.05 -5.76 -11.62
C HIS A 142 -8.18 -4.39 -10.96
N PHE A 143 -7.17 -3.55 -11.12
CA PHE A 143 -7.22 -2.20 -10.56
C PHE A 143 -8.39 -1.46 -11.18
N LYS A 144 -8.43 -1.42 -12.51
CA LYS A 144 -9.48 -0.73 -13.26
C LYS A 144 -10.89 -1.23 -12.95
N GLN A 145 -11.07 -2.53 -12.77
CA GLN A 145 -12.39 -3.03 -12.48
C GLN A 145 -12.83 -2.74 -11.03
N ASN A 146 -11.89 -2.41 -10.16
CA ASN A 146 -12.28 -2.14 -8.77
C ASN A 146 -11.91 -0.79 -8.17
N CYS A 147 -11.56 0.19 -9.01
CA CYS A 147 -11.18 1.50 -8.49
C CYS A 147 -12.32 2.52 -8.34
N ASP A 148 -13.52 2.18 -8.81
CA ASP A 148 -14.68 3.07 -8.71
C ASP A 148 -15.04 3.42 -7.26
N LYS A 149 -15.06 2.41 -6.40
CA LYS A 149 -15.41 2.57 -4.99
C LYS A 149 -14.31 3.22 -4.14
N ILE A 150 -13.19 3.59 -4.76
CA ILE A 150 -12.06 4.13 -4.00
C ILE A 150 -11.73 5.61 -4.15
N ILE A 151 -11.50 6.27 -3.02
CA ILE A 151 -11.07 7.67 -3.00
C ILE A 151 -9.67 7.59 -2.39
N PHE A 152 -8.70 8.22 -3.02
CA PHE A 152 -7.33 8.16 -2.51
C PHE A 152 -6.88 9.40 -1.76
N SER A 153 -5.95 9.22 -0.83
CA SER A 153 -5.38 10.33 -0.08
C SER A 153 -3.95 9.93 0.29
N SER A 154 -3.09 10.93 0.47
CA SER A 154 -1.70 10.69 0.81
C SER A 154 -1.31 11.46 2.07
N LEU A 155 -1.81 10.99 3.21
CA LEU A 155 -1.55 11.67 4.49
C LEU A 155 -0.99 10.75 5.56
N HIS A 156 -0.33 11.37 6.55
CA HIS A 156 0.20 10.62 7.69
C HIS A 156 -1.09 10.11 8.34
N PHE A 157 -1.09 8.87 8.81
CA PHE A 157 -2.31 8.31 9.39
C PHE A 157 -2.94 9.22 10.42
N LYS A 158 -2.12 10.10 11.01
CA LYS A 158 -2.58 11.04 12.03
C LYS A 158 -3.53 12.11 11.49
N ASP A 159 -3.27 12.60 10.28
CA ASP A 159 -4.07 13.64 9.67
C ASP A 159 -5.29 13.14 8.92
N VAL A 160 -5.53 11.84 8.94
CA VAL A 160 -6.69 11.32 8.24
C VAL A 160 -7.92 11.54 9.10
N LYS A 161 -8.94 12.13 8.48
CA LYS A 161 -10.18 12.41 9.18
C LYS A 161 -11.04 11.13 9.26
N ILE A 162 -11.29 10.67 10.48
CA ILE A 162 -12.07 9.47 10.72
C ILE A 162 -13.51 9.84 11.06
N LEU A 163 -14.43 9.26 10.29
CA LEU A 163 -15.84 9.52 10.43
C LEU A 163 -16.58 8.43 11.18
N ASP A 164 -17.69 8.80 11.79
CA ASP A 164 -18.50 7.83 12.50
C ASP A 164 -19.04 6.87 11.45
N GLY A 165 -19.05 5.59 11.78
CA GLY A 165 -19.55 4.61 10.85
C GLY A 165 -18.51 3.89 10.01
N ASP A 166 -17.26 4.31 10.07
CA ASP A 166 -16.33 3.57 9.23
C ASP A 166 -15.49 2.53 9.98
N PHE A 167 -15.02 1.55 9.21
CA PHE A 167 -14.19 0.50 9.76
C PHE A 167 -12.77 0.89 9.38
N VAL A 168 -11.89 1.01 10.36
CA VAL A 168 -10.52 1.40 10.08
C VAL A 168 -9.60 0.20 10.07
N TYR A 169 -9.11 -0.16 8.88
CA TYR A 169 -8.19 -1.28 8.79
C TYR A 169 -6.77 -0.71 8.73
N VAL A 170 -5.90 -1.22 9.59
CA VAL A 170 -4.53 -0.73 9.67
C VAL A 170 -3.49 -1.85 9.61
N ASP A 171 -2.62 -1.76 8.60
CA ASP A 171 -1.54 -2.72 8.36
C ASP A 171 -0.27 -1.88 8.19
N PRO A 172 0.24 -1.31 9.30
CA PRO A 172 1.44 -0.48 9.26
C PRO A 172 2.73 -1.26 9.13
N PRO A 173 3.86 -0.56 8.91
CA PRO A 173 5.15 -1.25 8.80
C PRO A 173 5.31 -2.06 10.09
N TYR A 174 5.94 -3.22 10.01
CA TYR A 174 6.12 -4.01 11.21
C TYR A 174 7.39 -3.56 11.90
N LEU A 175 7.23 -3.07 13.13
CA LEU A 175 8.33 -2.58 13.92
C LEU A 175 9.45 -3.61 13.98
N ILE A 176 9.10 -4.89 13.83
CA ILE A 176 10.11 -5.94 13.84
C ILE A 176 10.15 -6.73 12.53
N THR A 177 10.21 -6.02 11.40
CA THR A 177 10.26 -6.68 10.10
C THR A 177 11.06 -5.86 9.08
N VAL A 178 11.68 -6.57 8.14
CA VAL A 178 12.49 -5.94 7.11
C VAL A 178 11.65 -5.42 5.94
N ALA A 179 11.76 -4.12 5.64
CA ALA A 179 11.00 -3.52 4.54
C ALA A 179 11.37 -2.06 4.30
N ASP A 180 11.36 -1.67 3.02
CA ASP A 180 11.70 -0.31 2.61
C ASP A 180 10.99 0.81 3.38
N TYR A 181 9.66 0.74 3.43
CA TYR A 181 8.88 1.77 4.09
C TYR A 181 9.00 1.83 5.61
N ASN A 182 9.86 1.01 6.19
CA ASN A 182 10.02 1.08 7.62
C ASN A 182 10.72 2.38 8.02
N LYS A 183 11.26 3.09 7.02
CA LYS A 183 11.95 4.35 7.25
C LYS A 183 11.02 5.45 7.76
N PHE A 184 9.71 5.21 7.69
CA PHE A 184 8.74 6.18 8.18
C PHE A 184 8.28 5.74 9.56
N TRP A 185 8.60 4.50 9.93
CA TRP A 185 8.15 4.00 11.21
C TRP A 185 9.15 4.13 12.35
N SER A 186 8.62 4.09 13.57
CA SER A 186 9.40 4.21 14.78
C SER A 186 8.51 3.81 15.94
N GLU A 187 9.12 3.53 17.09
CA GLU A 187 8.37 3.17 18.28
C GLU A 187 7.40 4.30 18.58
N ASP A 188 7.80 5.52 18.22
CA ASP A 188 6.98 6.70 18.44
C ASP A 188 5.69 6.61 17.63
N GLU A 189 5.84 6.29 16.34
CA GLU A 189 4.68 6.17 15.47
C GLU A 189 3.73 5.11 16.00
N GLU A 190 4.25 3.93 16.31
CA GLU A 190 3.42 2.86 16.84
C GLU A 190 2.63 3.29 18.08
N LYS A 191 3.28 4.00 18.98
CA LYS A 191 2.65 4.48 20.20
C LYS A 191 1.48 5.40 19.84
N ASP A 192 1.68 6.25 18.84
CA ASP A 192 0.63 7.16 18.43
C ASP A 192 -0.48 6.39 17.73
N LEU A 193 -0.11 5.38 16.95
CA LEU A 193 -1.09 4.57 16.24
C LEU A 193 -2.03 3.89 17.22
N LEU A 194 -1.44 3.16 18.17
CA LEU A 194 -2.23 2.45 19.16
C LEU A 194 -3.11 3.38 19.99
N ASN A 195 -2.62 4.59 20.25
CA ASN A 195 -3.41 5.56 21.01
C ASN A 195 -4.61 6.03 20.16
N LEU A 196 -4.40 6.17 18.85
CA LEU A 196 -5.47 6.59 17.95
C LEU A 196 -6.52 5.49 18.01
N LEU A 197 -6.06 4.26 17.88
CA LEU A 197 -6.96 3.12 17.93
C LEU A 197 -7.79 3.10 19.21
N ASP A 198 -7.15 3.30 20.37
CA ASP A 198 -7.89 3.33 21.63
C ASP A 198 -8.93 4.43 21.55
N SER A 199 -8.60 5.48 20.82
CA SER A 199 -9.48 6.62 20.65
C SER A 199 -10.69 6.27 19.76
N LEU A 200 -10.42 5.57 18.67
CA LEU A 200 -11.50 5.18 17.78
C LEU A 200 -12.46 4.30 18.56
N ASN A 201 -11.91 3.32 19.27
CA ASN A 201 -12.70 2.42 20.07
C ASN A 201 -13.61 3.19 21.04
N ASP A 202 -13.11 4.33 21.53
CA ASP A 202 -13.86 5.16 22.46
C ASP A 202 -15.04 5.89 21.80
N ARG A 203 -14.95 6.10 20.50
CA ARG A 203 -16.00 6.80 19.77
C ARG A 203 -17.03 5.81 19.26
N GLY A 204 -16.74 4.51 19.41
CA GLY A 204 -17.65 3.50 18.94
C GLY A 204 -17.28 3.05 17.53
N ILE A 205 -16.11 3.48 17.07
CA ILE A 205 -15.62 3.15 15.74
C ILE A 205 -14.77 1.87 15.75
N LYS A 206 -15.14 0.93 14.89
CA LYS A 206 -14.46 -0.35 14.79
C LYS A 206 -13.16 -0.27 14.01
N PHE A 207 -12.18 -1.05 14.44
CA PHE A 207 -10.90 -1.10 13.76
C PHE A 207 -10.39 -2.52 13.72
N GLY A 208 -9.43 -2.74 12.83
CA GLY A 208 -8.80 -4.05 12.67
C GLY A 208 -7.32 -3.82 12.47
N GLN A 209 -6.47 -4.52 13.22
CA GLN A 209 -5.02 -4.35 13.13
C GLN A 209 -4.19 -5.60 12.77
N SER A 210 -3.40 -5.51 11.71
CA SER A 210 -2.54 -6.62 11.29
C SER A 210 -1.12 -6.27 11.75
N ASN A 211 -0.39 -7.26 12.24
CA ASN A 211 0.99 -7.05 12.68
C ASN A 211 1.65 -8.36 13.08
N VAL A 212 2.88 -8.28 13.57
CA VAL A 212 3.63 -9.45 14.01
C VAL A 212 4.01 -9.24 15.46
N LEU A 213 3.61 -10.16 16.33
CA LEU A 213 3.93 -10.05 17.75
C LEU A 213 5.38 -10.46 18.08
N GLU A 214 5.95 -11.34 17.27
CA GLU A 214 7.34 -11.79 17.47
C GLU A 214 7.90 -12.63 16.33
N HIS A 215 8.48 -11.94 15.34
CA HIS A 215 9.06 -12.60 14.18
C HIS A 215 10.58 -12.68 14.27
N HIS A 216 11.10 -13.91 14.39
CA HIS A 216 12.55 -14.14 14.46
C HIS A 216 13.21 -13.22 15.50
N GLY A 217 14.33 -13.66 16.07
CA GLY A 217 15.04 -12.88 17.06
C GLY A 217 14.16 -11.92 17.85
N LYS A 218 14.14 -10.65 17.44
CA LYS A 218 13.37 -9.62 18.10
C LYS A 218 11.87 -9.90 18.26
N GLU A 219 11.25 -9.15 19.17
CA GLU A 219 9.84 -9.27 19.47
C GLU A 219 9.21 -7.92 19.79
N ASN A 220 7.95 -7.76 19.40
CA ASN A 220 7.21 -6.54 19.68
C ASN A 220 6.64 -6.78 21.07
N THR A 221 6.83 -5.82 21.98
CA THR A 221 6.35 -6.01 23.35
C THR A 221 5.20 -5.13 23.79
N LEU A 222 5.25 -3.84 23.46
CA LEU A 222 4.18 -2.93 23.86
C LEU A 222 2.88 -3.37 23.19
N LEU A 223 3.00 -3.95 22.01
CA LEU A 223 1.84 -4.42 21.26
C LEU A 223 1.20 -5.62 21.94
N LYS A 224 2.02 -6.65 22.20
CA LYS A 224 1.54 -7.86 22.86
C LYS A 224 0.78 -7.50 24.14
N GLU A 225 1.30 -6.54 24.88
CA GLU A 225 0.67 -6.11 26.11
C GLU A 225 -0.61 -5.33 25.82
N TRP A 226 -0.53 -4.43 24.86
CA TRP A 226 -1.68 -3.60 24.46
C TRP A 226 -2.77 -4.44 23.82
N SER A 227 -2.38 -5.46 23.07
CA SER A 227 -3.34 -6.33 22.38
C SER A 227 -4.24 -7.10 23.34
N LYS A 228 -3.76 -7.32 24.56
CA LYS A 228 -4.53 -8.05 25.57
C LYS A 228 -5.88 -7.35 25.81
N LYS A 229 -5.92 -6.05 25.54
CA LYS A 229 -7.12 -5.25 25.71
C LYS A 229 -8.18 -5.61 24.68
N TYR A 230 -7.75 -6.20 23.55
CA TYR A 230 -8.68 -6.57 22.49
C TYR A 230 -8.62 -8.05 22.07
N ASN A 231 -9.33 -8.37 20.99
CA ASN A 231 -9.35 -9.73 20.47
C ASN A 231 -8.20 -9.95 19.50
N VAL A 232 -7.54 -11.10 19.59
CA VAL A 232 -6.42 -11.39 18.70
C VAL A 232 -6.58 -12.75 18.03
N LYS A 233 -6.46 -12.75 16.71
CA LYS A 233 -6.56 -13.99 15.93
C LYS A 233 -5.13 -14.29 15.50
N HIS A 234 -4.78 -15.57 15.48
CA HIS A 234 -3.43 -15.98 15.10
C HIS A 234 -3.43 -16.66 13.74
N LEU A 235 -2.80 -16.03 12.76
CA LEU A 235 -2.75 -16.56 11.41
C LEU A 235 -1.31 -16.88 11.00
N GLU A 254 2.06 -13.87 12.92
CA GLU A 254 1.14 -12.81 12.51
C GLU A 254 -0.22 -12.92 13.18
N VAL A 255 -0.78 -11.78 13.52
CA VAL A 255 -2.08 -11.72 14.17
C VAL A 255 -2.97 -10.62 13.61
N TYR A 256 -4.22 -10.63 14.05
CA TYR A 256 -5.21 -9.64 13.67
C TYR A 256 -5.87 -9.22 14.99
N ILE A 257 -5.84 -7.92 15.28
CA ILE A 257 -6.39 -7.39 16.52
C ILE A 257 -7.55 -6.45 16.23
N PHE A 258 -8.73 -6.77 16.76
CA PHE A 258 -9.91 -5.95 16.51
C PHE A 258 -10.83 -5.74 17.70
N ASN A 259 -11.59 -4.65 17.65
CA ASN A 259 -12.52 -4.31 18.71
C ASN A 259 -13.93 -4.65 18.26
#